data_4UAD
#
_entry.id   4UAD
#
_cell.length_a   242.315
_cell.length_b   38.836
_cell.length_c   67.898
_cell.angle_alpha   90.00
_cell.angle_beta   98.03
_cell.angle_gamma   90.00
#
_symmetry.space_group_name_H-M   'C 1 2 1'
#
loop_
_entity.id
_entity.type
_entity.pdbx_description
1 polymer 'Importin subunit alpha-7'
2 polymer 'Polymerase basic protein 2'
3 water water
#
loop_
_entity_poly.entity_id
_entity_poly.type
_entity_poly.pdbx_seq_one_letter_code
_entity_poly.pdbx_strand_id
1 'polypeptide(L)'
;GEAAMFDSLLMDSYVSSTTGESVITREMVEMLFSDDSDLQLATTQKFRKLLSKEPSPPIDEVINTPRVVDRFVEFLKRNE
NCTLQFEAAWALTNIASGTSQQTKIVIEAGAVPIFIELLNSDFEDVQEQAVWALGNIAGDSSVCRDYVLNCSILNPLLTL
LTKSTRLTMTRNAVWALSNLCRGKNPPPEFAKVSPCLPVLSRLLFSSDSDLLADACWALSYLSDGPNEKIQAVIDSGVCR
RLVELLMHNDYKVASPALRAVGNIVTGDDIQTQVILNCSALPCLLHLLSSPKESIRKEACWTISNITAGNRAQIQAVIDA
NIFPVLIEILQKAEFRTRKEAAWAITNATSGGTPEQIRYLVSLGCIKPLCDLLTVMDSKIVQVALNGLENILRLGEQEGK
RSGSGVNPYCGLIEEAYGLDKIEFLQSHENQEIYQKAFDLIEHYFGVEDDDSSLAPQVDETQQQFIFQQPEAPMEGFQL
;
A
2 'polypeptide(L)' TSGVESAVLRGFLILGKEDRRYGPALSINELSNLAKGEKANVLIGQGDVVLVMKRKRDSSILTDSQTATKRIRMAIN E
#
# COMPACT_ATOMS: atom_id res chain seq x y z
N VAL A 23 -14.50 40.19 2.55
CA VAL A 23 -13.74 40.15 3.80
C VAL A 23 -14.67 40.23 5.01
N ILE A 24 -14.08 40.44 6.19
CA ILE A 24 -14.85 40.56 7.42
C ILE A 24 -15.30 41.99 7.66
N THR A 25 -16.28 42.17 8.54
CA THR A 25 -16.71 43.50 8.95
C THR A 25 -16.57 43.65 10.47
N ARG A 26 -16.65 44.88 10.95
CA ARG A 26 -16.45 45.15 12.37
C ARG A 26 -17.65 44.68 13.20
N GLU A 27 -18.85 44.79 12.64
CA GLU A 27 -20.06 44.36 13.33
C GLU A 27 -20.13 42.84 13.41
N MET A 28 -19.51 42.16 12.45
CA MET A 28 -19.41 40.70 12.50
C MET A 28 -18.64 40.30 13.74
N VAL A 29 -17.50 40.96 13.96
CA VAL A 29 -16.68 40.68 15.13
C VAL A 29 -17.42 41.00 16.42
N GLU A 30 -18.11 42.13 16.45
CA GLU A 30 -18.79 42.58 17.65
C GLU A 30 -20.03 41.73 17.97
N MET A 31 -20.75 41.31 16.93
CA MET A 31 -21.93 40.47 17.11
C MET A 31 -21.53 39.07 17.57
N LEU A 32 -20.42 38.58 17.05
CA LEU A 32 -19.96 37.22 17.36
C LEU A 32 -19.68 37.05 18.85
N PHE A 33 -19.30 38.14 19.51
CA PHE A 33 -18.99 38.09 20.93
C PHE A 33 -20.08 38.74 21.78
N SER A 34 -21.31 38.79 21.24
CA SER A 34 -22.44 39.28 22.01
C SER A 34 -22.91 38.22 23.01
N ASP A 35 -24.07 38.43 23.62
CA ASP A 35 -24.54 37.54 24.68
C ASP A 35 -25.90 36.90 24.36
N ASP A 36 -26.38 37.11 23.14
CA ASP A 36 -27.64 36.49 22.73
C ASP A 36 -27.42 35.54 21.56
N SER A 37 -28.07 34.37 21.64
CA SER A 37 -27.89 33.33 20.64
C SER A 37 -28.37 33.75 19.25
N ASP A 38 -29.28 34.71 19.21
CA ASP A 38 -29.81 35.19 17.94
C ASP A 38 -28.73 35.85 17.08
N LEU A 39 -27.90 36.68 17.72
CA LEU A 39 -26.83 37.39 17.02
C LEU A 39 -25.64 36.47 16.75
N GLN A 40 -25.39 35.55 17.68
CA GLN A 40 -24.31 34.60 17.55
C GLN A 40 -24.51 33.67 16.36
N LEU A 41 -25.68 33.05 16.30
CA LEU A 41 -26.02 32.09 15.26
C LEU A 41 -26.03 32.73 13.87
N ALA A 42 -26.45 33.99 13.80
CA ALA A 42 -26.49 34.72 12.55
C ALA A 42 -25.07 35.05 12.07
N THR A 43 -24.21 35.38 13.02
CA THR A 43 -22.84 35.77 12.71
C THR A 43 -22.00 34.56 12.30
N THR A 44 -22.10 33.50 13.08
CA THR A 44 -21.40 32.26 12.79
C THR A 44 -21.80 31.75 11.40
N GLN A 45 -23.06 31.94 11.06
CA GLN A 45 -23.60 31.54 9.76
C GLN A 45 -23.01 32.39 8.64
N LYS A 46 -22.71 33.65 8.96
CA LYS A 46 -22.06 34.54 8.00
C LYS A 46 -20.62 34.09 7.76
N PHE A 47 -19.90 33.82 8.84
CA PHE A 47 -18.55 33.30 8.77
C PHE A 47 -18.52 31.96 8.04
N ARG A 48 -19.52 31.13 8.34
CA ARG A 48 -19.63 29.82 7.71
C ARG A 48 -19.85 29.97 6.21
N LYS A 49 -20.69 30.91 5.83
CA LYS A 49 -21.00 31.14 4.42
C LYS A 49 -19.78 31.65 3.66
N LEU A 50 -18.96 32.47 4.33
CA LEU A 50 -17.74 32.98 3.73
C LEU A 50 -16.77 31.85 3.41
N LEU A 51 -16.60 30.94 4.36
CA LEU A 51 -15.68 29.82 4.21
C LEU A 51 -16.28 28.74 3.31
N SER A 52 -17.60 28.78 3.11
CA SER A 52 -18.28 27.84 2.25
C SER A 52 -18.54 28.45 0.88
N LYS A 53 -17.55 29.16 0.35
CA LYS A 53 -17.70 29.85 -0.92
C LYS A 53 -16.48 29.65 -1.82
N GLU A 54 -16.73 29.50 -3.11
CA GLU A 54 -15.69 29.27 -4.10
C GLU A 54 -15.19 30.59 -4.70
N PRO A 55 -13.99 30.60 -5.30
CA PRO A 55 -13.04 29.49 -5.42
C PRO A 55 -11.95 29.50 -4.34
N SER A 56 -11.61 30.68 -3.82
CA SER A 56 -10.56 30.80 -2.81
C SER A 56 -11.12 31.32 -1.49
N PRO A 57 -11.39 30.40 -0.55
CA PRO A 57 -11.92 30.75 0.77
C PRO A 57 -10.95 31.60 1.58
N PRO A 58 -11.48 32.61 2.30
CA PRO A 58 -10.68 33.49 3.15
C PRO A 58 -10.31 32.86 4.49
N ILE A 59 -9.57 31.76 4.46
CA ILE A 59 -9.22 31.04 5.68
C ILE A 59 -8.30 31.84 6.58
N ASP A 60 -7.28 32.47 5.98
CA ASP A 60 -6.31 33.25 6.74
C ASP A 60 -6.96 34.44 7.44
N GLU A 61 -7.78 35.19 6.71
CA GLU A 61 -8.42 36.38 7.25
C GLU A 61 -9.29 36.08 8.47
N VAL A 62 -9.89 34.89 8.48
CA VAL A 62 -10.75 34.47 9.58
C VAL A 62 -9.92 34.07 10.80
N ILE A 63 -8.84 33.31 10.57
CA ILE A 63 -8.02 32.84 11.68
C ILE A 63 -7.08 33.92 12.18
N ASN A 64 -6.67 34.83 11.29
CA ASN A 64 -5.84 35.96 11.70
C ASN A 64 -6.60 36.89 12.62
N THR A 65 -7.88 37.08 12.33
CA THR A 65 -8.77 37.87 13.18
C THR A 65 -8.81 37.25 14.57
N PRO A 66 -8.31 37.98 15.57
CA PRO A 66 -8.12 37.47 16.93
C PRO A 66 -9.40 36.91 17.55
N ARG A 67 -9.23 35.89 18.39
CA ARG A 67 -10.31 35.30 19.20
C ARG A 67 -11.37 34.54 18.40
N VAL A 68 -11.42 34.75 17.09
CA VAL A 68 -12.45 34.16 16.25
C VAL A 68 -12.46 32.63 16.32
N VAL A 69 -11.31 32.02 16.07
CA VAL A 69 -11.20 30.56 16.09
C VAL A 69 -11.62 29.99 17.44
N ASP A 70 -11.21 30.65 18.51
CA ASP A 70 -11.56 30.22 19.86
C ASP A 70 -13.06 30.37 20.12
N ARG A 71 -13.69 31.34 19.47
CA ARG A 71 -15.11 31.60 19.65
C ARG A 71 -15.94 30.51 18.97
N PHE A 72 -15.52 30.10 17.78
CA PHE A 72 -16.14 28.98 17.08
C PHE A 72 -16.09 27.71 17.92
N VAL A 73 -14.92 27.45 18.51
CA VAL A 73 -14.71 26.26 19.34
C VAL A 73 -15.59 26.32 20.58
N GLU A 74 -15.78 27.51 21.12
CA GLU A 74 -16.61 27.70 22.31
C GLU A 74 -18.08 27.40 22.02
N PHE A 75 -18.49 27.60 20.76
CA PHE A 75 -19.87 27.36 20.36
C PHE A 75 -20.16 25.87 20.15
N LEU A 76 -19.11 25.06 20.04
CA LEU A 76 -19.28 23.61 19.91
C LEU A 76 -19.82 23.02 21.22
N LYS A 77 -19.62 23.75 22.31
CA LYS A 77 -20.02 23.29 23.64
C LYS A 77 -21.47 23.66 23.94
N ARG A 78 -22.07 24.46 23.07
CA ARG A 78 -23.44 24.93 23.25
C ARG A 78 -24.46 23.84 22.86
N ASN A 79 -24.58 22.82 23.70
CA ASN A 79 -25.46 21.69 23.41
C ASN A 79 -26.93 22.07 23.39
N GLU A 80 -27.26 23.23 23.96
CA GLU A 80 -28.65 23.67 24.02
C GLU A 80 -29.09 24.26 22.69
N ASN A 81 -28.12 24.71 21.89
CA ASN A 81 -28.41 25.31 20.60
C ASN A 81 -27.87 24.47 19.46
N CYS A 82 -28.69 23.54 18.98
CA CYS A 82 -28.32 22.61 17.91
C CYS A 82 -27.75 23.30 16.68
N THR A 83 -28.46 24.31 16.20
CA THR A 83 -28.08 24.99 14.96
C THR A 83 -26.76 25.75 15.13
N LEU A 84 -26.52 26.26 16.33
CA LEU A 84 -25.28 26.99 16.61
C LEU A 84 -24.09 26.04 16.55
N GLN A 85 -24.24 24.87 17.16
CA GLN A 85 -23.22 23.83 17.10
C GLN A 85 -22.90 23.44 15.67
N PHE A 86 -23.96 23.23 14.87
CA PHE A 86 -23.82 22.83 13.47
C PHE A 86 -23.04 23.85 12.67
N GLU A 87 -23.43 25.11 12.79
CA GLU A 87 -22.76 26.20 12.06
C GLU A 87 -21.32 26.37 12.51
N ALA A 88 -21.07 26.17 13.79
CA ALA A 88 -19.73 26.29 14.34
C ALA A 88 -18.81 25.19 13.80
N ALA A 89 -19.31 23.95 13.86
CA ALA A 89 -18.55 22.80 13.38
C ALA A 89 -18.20 22.94 11.90
N TRP A 90 -19.18 23.39 11.12
CA TRP A 90 -19.01 23.57 9.69
C TRP A 90 -17.92 24.61 9.40
N ALA A 91 -17.98 25.71 10.14
CA ALA A 91 -16.99 26.79 9.97
C ALA A 91 -15.58 26.28 10.25
N LEU A 92 -15.44 25.51 11.33
CA LEU A 92 -14.14 24.94 11.70
C LEU A 92 -13.70 23.86 10.72
N THR A 93 -14.66 23.11 10.19
CA THR A 93 -14.40 22.06 9.21
C THR A 93 -13.68 22.62 7.99
N ASN A 94 -14.18 23.73 7.48
CA ASN A 94 -13.62 24.34 6.28
C ASN A 94 -12.28 25.02 6.54
N ILE A 95 -12.02 25.34 7.80
CA ILE A 95 -10.71 25.88 8.18
C ILE A 95 -9.70 24.74 8.24
N ALA A 96 -10.12 23.61 8.78
CA ALA A 96 -9.24 22.45 8.91
C ALA A 96 -9.04 21.73 7.58
N SER A 97 -9.68 22.25 6.52
CA SER A 97 -9.55 21.67 5.19
C SER A 97 -8.42 22.34 4.42
N GLY A 98 -7.82 23.36 5.03
CA GLY A 98 -6.76 24.11 4.37
C GLY A 98 -5.38 23.53 4.57
N THR A 99 -4.38 24.40 4.64
CA THR A 99 -2.99 23.98 4.80
C THR A 99 -2.73 23.47 6.21
N SER A 100 -1.51 22.98 6.44
CA SER A 100 -1.14 22.40 7.72
C SER A 100 -1.16 23.41 8.86
N GLN A 101 -0.75 24.64 8.56
CA GLN A 101 -0.72 25.68 9.59
C GLN A 101 -2.13 26.13 9.96
N GLN A 102 -3.04 26.08 8.99
CA GLN A 102 -4.42 26.47 9.22
C GLN A 102 -5.14 25.43 10.07
N THR A 103 -4.71 24.17 9.96
CA THR A 103 -5.26 23.10 10.76
C THR A 103 -4.66 23.12 12.16
N LYS A 104 -3.44 23.62 12.26
CA LYS A 104 -2.74 23.74 13.54
C LYS A 104 -3.48 24.67 14.49
N ILE A 105 -4.03 25.75 13.96
CA ILE A 105 -4.77 26.72 14.76
C ILE A 105 -6.02 26.08 15.36
N VAL A 106 -6.71 25.26 14.56
CA VAL A 106 -7.94 24.60 15.02
C VAL A 106 -7.64 23.59 16.13
N ILE A 107 -6.57 22.82 15.95
CA ILE A 107 -6.17 21.82 16.94
C ILE A 107 -5.74 22.48 18.24
N GLU A 108 -4.92 23.52 18.12
CA GLU A 108 -4.42 24.24 19.29
C GLU A 108 -5.51 25.08 19.95
N ALA A 109 -6.65 25.21 19.29
CA ALA A 109 -7.81 25.85 19.88
C ALA A 109 -8.56 24.88 20.78
N GLY A 110 -8.21 23.60 20.67
CA GLY A 110 -8.77 22.57 21.55
C GLY A 110 -10.03 21.94 21.01
N ALA A 111 -10.24 22.05 19.71
CA ALA A 111 -11.47 21.58 19.07
C ALA A 111 -11.59 20.06 19.06
N VAL A 112 -10.45 19.38 18.95
CA VAL A 112 -10.45 17.93 18.76
C VAL A 112 -11.14 17.16 19.90
N PRO A 113 -10.80 17.43 21.17
CA PRO A 113 -11.50 16.65 22.20
C PRO A 113 -12.99 16.98 22.27
N ILE A 114 -13.36 18.19 21.87
CA ILE A 114 -14.76 18.61 21.85
C ILE A 114 -15.51 17.98 20.68
N PHE A 115 -14.87 17.96 19.52
CA PHE A 115 -15.44 17.34 18.32
C PHE A 115 -15.73 15.86 18.56
N ILE A 116 -14.87 15.20 19.32
CA ILE A 116 -15.05 13.78 19.63
C ILE A 116 -16.26 13.57 20.54
N GLU A 117 -16.47 14.49 21.47
CA GLU A 117 -17.67 14.47 22.30
C GLU A 117 -18.92 14.62 21.45
N LEU A 118 -18.83 15.48 20.43
CA LEU A 118 -19.96 15.74 19.55
C LEU A 118 -20.31 14.53 18.67
N LEU A 119 -19.47 13.51 18.68
CA LEU A 119 -19.77 12.28 17.96
C LEU A 119 -20.98 11.60 18.61
N ASN A 120 -21.14 11.83 19.90
CA ASN A 120 -22.28 11.31 20.64
C ASN A 120 -23.31 12.41 20.93
N SER A 121 -23.37 13.40 20.03
CA SER A 121 -24.39 14.43 20.12
C SER A 121 -25.76 13.82 19.82
N ASP A 122 -26.80 14.39 20.40
CA ASP A 122 -28.14 13.88 20.19
C ASP A 122 -28.69 14.37 18.85
N PHE A 123 -28.00 15.36 18.28
CA PHE A 123 -28.34 15.89 16.96
C PHE A 123 -27.49 15.20 15.89
N GLU A 124 -28.15 14.57 14.92
CA GLU A 124 -27.45 13.87 13.85
C GLU A 124 -26.67 14.81 12.95
N ASP A 125 -27.20 16.00 12.71
CA ASP A 125 -26.53 16.98 11.85
C ASP A 125 -25.25 17.50 12.49
N VAL A 126 -25.21 17.48 13.83
CA VAL A 126 -24.01 17.84 14.57
C VAL A 126 -23.01 16.70 14.55
N GLN A 127 -23.52 15.48 14.69
CA GLN A 127 -22.68 14.28 14.63
C GLN A 127 -21.90 14.21 13.33
N GLU A 128 -22.62 14.24 12.21
CA GLU A 128 -21.99 14.06 10.89
C GLU A 128 -20.93 15.12 10.59
N GLN A 129 -21.18 16.35 11.03
CA GLN A 129 -20.25 17.44 10.79
C GLN A 129 -19.03 17.32 11.70
N ALA A 130 -19.22 16.67 12.84
CA ALA A 130 -18.11 16.38 13.74
C ALA A 130 -17.19 15.35 13.09
N VAL A 131 -17.79 14.33 12.49
CA VAL A 131 -17.04 13.31 11.76
C VAL A 131 -16.20 13.94 10.66
N TRP A 132 -16.84 14.77 9.85
CA TRP A 132 -16.20 15.45 8.74
C TRP A 132 -15.01 16.29 9.21
N ALA A 133 -15.21 17.03 10.31
CA ALA A 133 -14.15 17.87 10.84
C ALA A 133 -12.96 17.03 11.29
N LEU A 134 -13.24 15.99 12.06
CA LEU A 134 -12.22 15.09 12.57
C LEU A 134 -11.50 14.38 11.43
N GLY A 135 -12.24 14.07 10.37
CA GLY A 135 -11.66 13.48 9.18
C GLY A 135 -10.65 14.41 8.52
N ASN A 136 -11.01 15.68 8.40
CA ASN A 136 -10.12 16.68 7.83
C ASN A 136 -8.88 16.89 8.70
N ILE A 137 -9.07 16.94 10.01
CA ILE A 137 -7.97 17.14 10.94
C ILE A 137 -6.98 15.98 10.89
N ALA A 138 -7.50 14.77 11.00
CA ALA A 138 -6.67 13.57 10.97
C ALA A 138 -5.94 13.40 9.63
N GLY A 139 -6.56 13.86 8.55
CA GLY A 139 -6.02 13.69 7.23
C GLY A 139 -4.98 14.75 6.87
N ASP A 140 -4.58 15.54 7.84
CA ASP A 140 -3.62 16.61 7.61
C ASP A 140 -2.19 16.07 7.57
N SER A 141 -1.83 15.29 8.58
CA SER A 141 -0.49 14.73 8.68
C SER A 141 -0.48 13.55 9.66
N SER A 142 0.65 12.87 9.74
CA SER A 142 0.79 11.74 10.65
C SER A 142 0.79 12.23 12.10
N VAL A 143 1.27 13.45 12.31
CA VAL A 143 1.28 14.05 13.63
C VAL A 143 -0.14 14.31 14.13
N CYS A 144 -0.96 14.91 13.27
CA CYS A 144 -2.35 15.19 13.60
C CYS A 144 -3.15 13.89 13.73
N ARG A 145 -2.83 12.93 12.87
CA ARG A 145 -3.49 11.62 12.88
C ARG A 145 -3.32 10.93 14.23
N ASP A 146 -2.07 10.83 14.69
CA ASP A 146 -1.78 10.19 15.96
C ASP A 146 -2.40 10.96 17.12
N TYR A 147 -2.46 12.28 17.00
CA TYR A 147 -3.07 13.12 18.03
C TYR A 147 -4.56 12.82 18.16
N VAL A 148 -5.25 12.80 17.02
CA VAL A 148 -6.67 12.47 16.99
C VAL A 148 -6.92 11.09 17.60
N LEU A 149 -6.09 10.13 17.24
CA LEU A 149 -6.20 8.77 17.78
C LEU A 149 -5.94 8.74 19.28
N ASN A 150 -5.02 9.57 19.75
CA ASN A 150 -4.67 9.60 21.16
C ASN A 150 -5.79 10.23 22.00
N CYS A 151 -6.66 11.00 21.36
CA CYS A 151 -7.82 11.58 22.03
C CYS A 151 -8.99 10.61 22.06
N SER A 152 -8.73 9.34 21.73
CA SER A 152 -9.72 8.27 21.79
C SER A 152 -10.93 8.52 20.88
N ILE A 153 -10.68 8.71 19.59
CA ILE A 153 -11.75 8.93 18.63
C ILE A 153 -12.39 7.62 18.19
N LEU A 154 -11.63 6.52 18.26
CA LEU A 154 -12.02 5.28 17.63
C LEU A 154 -13.34 4.71 18.15
N ASN A 155 -13.46 4.60 19.47
CA ASN A 155 -14.67 4.02 20.05
C ASN A 155 -15.95 4.82 19.79
N PRO A 156 -15.92 6.15 19.95
CA PRO A 156 -17.13 6.88 19.57
C PRO A 156 -17.43 6.81 18.06
N LEU A 157 -16.38 6.86 17.25
CA LEU A 157 -16.54 6.83 15.79
C LEU A 157 -17.12 5.51 15.30
N LEU A 158 -16.66 4.40 15.88
CA LEU A 158 -17.15 3.08 15.49
C LEU A 158 -18.57 2.87 15.98
N THR A 159 -18.88 3.43 17.14
CA THR A 159 -20.25 3.40 17.66
C THR A 159 -21.19 4.13 16.72
N LEU A 160 -20.79 5.33 16.31
CA LEU A 160 -21.54 6.13 15.36
C LEU A 160 -21.75 5.38 14.05
N LEU A 161 -20.71 4.70 13.60
CA LEU A 161 -20.73 3.99 12.33
C LEU A 161 -21.73 2.83 12.34
N THR A 162 -21.75 2.09 13.45
CA THR A 162 -22.63 0.94 13.58
C THR A 162 -24.08 1.36 13.89
N LYS A 163 -24.24 2.52 14.52
CA LYS A 163 -25.57 3.02 14.86
C LYS A 163 -26.13 3.96 13.81
N SER A 164 -25.39 4.17 12.73
CA SER A 164 -25.81 5.13 11.70
C SER A 164 -27.10 4.70 11.03
N THR A 165 -27.86 5.69 10.54
CA THR A 165 -29.12 5.42 9.85
C THR A 165 -29.22 6.20 8.55
N ARG A 166 -28.11 6.84 8.17
CA ARG A 166 -28.04 7.61 6.94
C ARG A 166 -26.81 7.20 6.12
N LEU A 167 -26.95 7.19 4.80
CA LEU A 167 -25.86 6.79 3.92
C LEU A 167 -24.74 7.83 3.88
N THR A 168 -25.10 9.10 4.00
CA THR A 168 -24.11 10.17 3.98
C THR A 168 -23.24 10.14 5.24
N MET A 169 -23.82 9.69 6.34
CA MET A 169 -23.10 9.62 7.60
C MET A 169 -22.07 8.49 7.57
N THR A 170 -22.46 7.33 7.07
CA THR A 170 -21.57 6.18 7.01
C THR A 170 -20.37 6.46 6.11
N ARG A 171 -20.63 7.09 4.96
CA ARG A 171 -19.57 7.44 4.04
C ARG A 171 -18.52 8.31 4.71
N ASN A 172 -18.99 9.36 5.39
CA ASN A 172 -18.09 10.26 6.10
C ASN A 172 -17.31 9.53 7.21
N ALA A 173 -17.98 8.62 7.91
CA ALA A 173 -17.34 7.89 8.99
C ALA A 173 -16.25 6.96 8.49
N VAL A 174 -16.53 6.24 7.41
CA VAL A 174 -15.55 5.32 6.82
C VAL A 174 -14.37 6.10 6.25
N TRP A 175 -14.67 7.20 5.55
CA TRP A 175 -13.63 8.05 4.98
C TRP A 175 -12.72 8.63 6.06
N ALA A 176 -13.31 9.02 7.19
CA ALA A 176 -12.53 9.51 8.32
C ALA A 176 -11.72 8.38 8.93
N LEU A 177 -12.33 7.20 8.99
CA LEU A 177 -11.67 6.02 9.51
C LEU A 177 -10.43 5.68 8.66
N SER A 178 -10.59 5.79 7.34
CA SER A 178 -9.50 5.49 6.42
C SER A 178 -8.37 6.49 6.56
N ASN A 179 -8.69 7.70 7.00
CA ASN A 179 -7.68 8.72 7.26
C ASN A 179 -6.90 8.43 8.54
N LEU A 180 -7.55 7.73 9.46
CA LEU A 180 -6.90 7.32 10.70
C LEU A 180 -5.92 6.18 10.47
N CYS A 181 -6.08 5.48 9.35
CA CYS A 181 -5.24 4.33 9.02
C CYS A 181 -4.11 4.69 8.07
N ARG A 182 -4.34 5.72 7.26
CA ARG A 182 -3.41 6.14 6.23
C ARG A 182 -2.08 6.63 6.82
N GLY A 183 -0.98 6.33 6.13
CA GLY A 183 0.32 6.84 6.54
C GLY A 183 1.33 5.75 6.85
N LYS A 184 2.58 6.01 6.50
CA LYS A 184 3.66 5.04 6.72
C LYS A 184 4.92 5.70 7.26
N ASN A 185 4.89 7.01 7.45
CA ASN A 185 6.04 7.74 7.95
C ASN A 185 5.70 8.70 9.09
N PRO A 186 5.47 8.17 10.30
CA PRO A 186 5.42 6.75 10.64
C PRO A 186 4.00 6.20 10.51
N PRO A 187 3.86 4.87 10.44
CA PRO A 187 2.52 4.29 10.51
C PRO A 187 1.90 4.53 11.86
N PRO A 188 0.55 4.49 11.96
CA PRO A 188 -0.08 4.67 13.27
C PRO A 188 0.17 3.46 14.15
N GLU A 189 0.16 3.64 15.47
CA GLU A 189 0.31 2.50 16.36
C GLU A 189 -0.83 1.53 16.10
N PHE A 190 -0.48 0.30 15.73
CA PHE A 190 -1.46 -0.67 15.27
C PHE A 190 -2.51 -0.98 16.33
N ALA A 191 -2.09 -0.95 17.60
CA ALA A 191 -3.01 -1.23 18.69
C ALA A 191 -4.13 -0.20 18.80
N LYS A 192 -3.88 0.99 18.25
CA LYS A 192 -4.87 2.07 18.33
C LYS A 192 -5.79 2.13 17.11
N VAL A 193 -5.53 1.30 16.10
CA VAL A 193 -6.32 1.36 14.87
C VAL A 193 -6.94 0.01 14.52
N SER A 194 -6.33 -1.08 14.99
CA SER A 194 -6.82 -2.42 14.72
C SER A 194 -8.24 -2.79 15.22
N PRO A 195 -8.74 -2.12 16.29
CA PRO A 195 -10.12 -2.46 16.68
C PRO A 195 -11.20 -2.15 15.64
N CYS A 196 -10.88 -1.38 14.61
CA CYS A 196 -11.88 -1.03 13.61
C CYS A 196 -12.07 -2.14 12.58
N LEU A 197 -11.26 -3.19 12.69
CA LEU A 197 -11.29 -4.28 11.73
C LEU A 197 -12.61 -5.06 11.66
N PRO A 198 -13.24 -5.37 12.81
CA PRO A 198 -14.54 -6.03 12.70
C PRO A 198 -15.58 -5.17 11.99
N VAL A 199 -15.60 -3.87 12.29
CA VAL A 199 -16.51 -2.94 11.65
C VAL A 199 -16.24 -2.86 10.15
N LEU A 200 -14.96 -2.75 9.81
CA LEU A 200 -14.52 -2.67 8.43
C LEU A 200 -14.90 -3.94 7.67
N SER A 201 -14.82 -5.08 8.36
CA SER A 201 -15.14 -6.38 7.78
C SER A 201 -16.60 -6.45 7.35
N ARG A 202 -17.50 -5.99 8.21
CA ARG A 202 -18.93 -5.99 7.93
C ARG A 202 -19.28 -5.02 6.79
N LEU A 203 -18.56 -3.90 6.74
CA LEU A 203 -18.84 -2.86 5.74
C LEU A 203 -18.54 -3.32 4.32
N LEU A 204 -17.75 -4.38 4.18
CA LEU A 204 -17.42 -4.91 2.87
C LEU A 204 -18.62 -5.54 2.18
N PHE A 205 -19.69 -5.76 2.94
CA PHE A 205 -20.88 -6.41 2.40
C PHE A 205 -21.90 -5.42 1.86
N SER A 206 -21.60 -4.13 1.99
CA SER A 206 -22.50 -3.11 1.45
C SER A 206 -22.37 -3.06 -0.08
N SER A 207 -23.32 -2.38 -0.72
CA SER A 207 -23.35 -2.29 -2.17
C SER A 207 -22.92 -0.91 -2.65
N ASP A 208 -22.75 0.01 -1.70
CA ASP A 208 -22.37 1.37 -2.03
C ASP A 208 -20.90 1.45 -2.43
N SER A 209 -20.67 1.91 -3.67
CA SER A 209 -19.33 1.99 -4.23
C SER A 209 -18.39 2.86 -3.42
N ASP A 210 -18.86 4.04 -3.01
CA ASP A 210 -18.05 4.97 -2.24
C ASP A 210 -17.65 4.36 -0.90
N LEU A 211 -18.57 3.59 -0.33
CA LEU A 211 -18.32 2.93 0.95
C LEU A 211 -17.29 1.81 0.80
N LEU A 212 -17.49 0.96 -0.20
CA LEU A 212 -16.57 -0.15 -0.48
C LEU A 212 -15.16 0.36 -0.81
N ALA A 213 -15.10 1.49 -1.51
CA ALA A 213 -13.82 2.06 -1.94
C ALA A 213 -12.96 2.47 -0.75
N ASP A 214 -13.53 3.26 0.15
CA ASP A 214 -12.78 3.75 1.31
C ASP A 214 -12.51 2.62 2.30
N ALA A 215 -13.41 1.65 2.37
CA ALA A 215 -13.22 0.49 3.24
C ALA A 215 -12.05 -0.36 2.76
N CYS A 216 -11.92 -0.51 1.45
CA CYS A 216 -10.82 -1.27 0.88
C CYS A 216 -9.51 -0.51 0.99
N TRP A 217 -9.56 0.82 0.94
CA TRP A 217 -8.35 1.62 1.14
C TRP A 217 -7.87 1.49 2.58
N ALA A 218 -8.80 1.52 3.53
CA ALA A 218 -8.45 1.39 4.94
C ALA A 218 -7.82 0.02 5.22
N LEU A 219 -8.38 -1.02 4.60
CA LEU A 219 -7.84 -2.37 4.74
C LEU A 219 -6.46 -2.49 4.13
N SER A 220 -6.22 -1.77 3.04
CA SER A 220 -4.91 -1.81 2.38
C SER A 220 -3.87 -1.08 3.23
N TYR A 221 -4.29 -0.04 3.94
CA TYR A 221 -3.40 0.68 4.83
C TYR A 221 -3.01 -0.19 6.03
N LEU A 222 -3.99 -0.90 6.57
CA LEU A 222 -3.79 -1.74 7.73
C LEU A 222 -2.97 -2.99 7.40
N SER A 223 -3.08 -3.47 6.17
CA SER A 223 -2.36 -4.67 5.75
C SER A 223 -1.01 -4.34 5.12
N ASP A 224 -0.62 -3.06 5.22
CA ASP A 224 0.64 -2.59 4.66
C ASP A 224 1.74 -2.56 5.72
N GLY A 225 2.46 -3.66 5.85
CA GLY A 225 3.54 -3.74 6.82
C GLY A 225 3.91 -5.17 7.18
N PRO A 226 4.51 -5.36 8.36
CA PRO A 226 4.90 -6.66 8.89
C PRO A 226 3.72 -7.64 8.96
N ASN A 227 4.02 -8.93 8.99
CA ASN A 227 2.99 -9.96 8.88
C ASN A 227 2.09 -10.08 10.11
N GLU A 228 2.49 -9.48 11.22
CA GLU A 228 1.63 -9.41 12.39
C GLU A 228 0.38 -8.60 12.06
N LYS A 229 0.57 -7.44 11.45
CA LYS A 229 -0.55 -6.59 11.05
C LYS A 229 -1.44 -7.29 10.04
N ILE A 230 -0.81 -8.01 9.10
CA ILE A 230 -1.53 -8.76 8.09
C ILE A 230 -2.39 -9.86 8.71
N GLN A 231 -1.89 -10.50 9.77
CA GLN A 231 -2.64 -11.57 10.42
C GLN A 231 -3.91 -11.03 11.06
N ALA A 232 -3.81 -9.86 11.67
CA ALA A 232 -4.96 -9.20 12.28
C ALA A 232 -6.04 -8.92 11.23
N VAL A 233 -5.61 -8.48 10.06
CA VAL A 233 -6.52 -8.25 8.94
C VAL A 233 -7.20 -9.55 8.53
N ILE A 234 -6.39 -10.60 8.39
CA ILE A 234 -6.91 -11.92 8.05
C ILE A 234 -7.87 -12.45 9.11
N ASP A 235 -7.48 -12.31 10.37
CA ASP A 235 -8.30 -12.78 11.50
C ASP A 235 -9.72 -12.21 11.51
N SER A 236 -9.91 -11.05 10.89
CA SER A 236 -11.23 -10.43 10.85
C SER A 236 -12.10 -11.00 9.72
N GLY A 237 -11.51 -11.86 8.89
CA GLY A 237 -12.26 -12.57 7.87
C GLY A 237 -12.65 -11.78 6.63
N VAL A 238 -11.83 -10.81 6.25
CA VAL A 238 -12.14 -9.96 5.09
C VAL A 238 -11.70 -10.55 3.76
N CYS A 239 -10.90 -11.60 3.80
CA CYS A 239 -10.26 -12.12 2.58
C CYS A 239 -11.24 -12.60 1.53
N ARG A 240 -12.23 -13.37 1.91
CA ARG A 240 -13.14 -13.88 0.96
C ARG A 240 -13.84 -12.75 0.22
N ARG A 241 -14.30 -11.75 0.94
CA ARG A 241 -15.01 -10.65 0.34
C ARG A 241 -14.09 -9.77 -0.52
N LEU A 242 -12.87 -9.51 -0.01
CA LEU A 242 -11.87 -8.75 -0.75
C LEU A 242 -11.57 -9.37 -2.11
N VAL A 243 -11.56 -10.70 -2.16
CA VAL A 243 -11.29 -11.42 -3.40
C VAL A 243 -12.45 -11.27 -4.37
N GLU A 244 -13.68 -11.30 -3.85
CA GLU A 244 -14.86 -11.11 -4.69
C GLU A 244 -14.91 -9.71 -5.27
N LEU A 245 -14.42 -8.74 -4.51
CA LEU A 245 -14.45 -7.34 -4.94
C LEU A 245 -13.41 -7.05 -6.01
N LEU A 246 -12.52 -8.01 -6.27
CA LEU A 246 -11.58 -7.90 -7.38
C LEU A 246 -12.31 -7.81 -8.72
N MET A 247 -13.50 -8.39 -8.76
CA MET A 247 -14.30 -8.47 -10.00
C MET A 247 -15.39 -7.41 -10.08
N HIS A 248 -15.27 -6.38 -9.25
CA HIS A 248 -16.26 -5.30 -9.25
C HIS A 248 -16.09 -4.43 -10.49
N ASN A 249 -17.21 -4.01 -11.08
CA ASN A 249 -17.16 -3.27 -12.34
C ASN A 249 -16.70 -1.82 -12.18
N ASP A 250 -16.70 -1.32 -10.95
CA ASP A 250 -16.21 0.03 -10.67
C ASP A 250 -14.71 -0.02 -10.32
N TYR A 251 -13.91 0.78 -11.02
CA TYR A 251 -12.47 0.80 -10.79
C TYR A 251 -12.12 1.47 -9.47
N LYS A 252 -13.04 2.25 -8.93
CA LYS A 252 -12.81 2.89 -7.63
C LYS A 252 -12.86 1.86 -6.52
N VAL A 253 -13.42 0.68 -6.83
CA VAL A 253 -13.55 -0.40 -5.86
C VAL A 253 -12.54 -1.53 -6.13
N ALA A 254 -12.42 -1.93 -7.38
CA ALA A 254 -11.54 -3.03 -7.76
C ALA A 254 -10.08 -2.69 -7.49
N SER A 255 -9.72 -1.43 -7.69
CA SER A 255 -8.32 -1.01 -7.55
C SER A 255 -7.84 -1.05 -6.08
N PRO A 256 -8.61 -0.48 -5.13
CA PRO A 256 -8.13 -0.63 -3.76
C PRO A 256 -8.28 -2.07 -3.24
N ALA A 257 -9.27 -2.80 -3.75
CA ALA A 257 -9.48 -4.18 -3.36
C ALA A 257 -8.28 -5.03 -3.78
N LEU A 258 -7.74 -4.69 -4.95
CA LEU A 258 -6.57 -5.37 -5.47
C LEU A 258 -5.34 -5.00 -4.65
N ARG A 259 -5.29 -3.76 -4.21
CA ARG A 259 -4.21 -3.30 -3.35
C ARG A 259 -4.20 -4.05 -2.03
N ALA A 260 -5.38 -4.25 -1.45
CA ALA A 260 -5.49 -4.95 -0.17
C ALA A 260 -5.10 -6.41 -0.31
N VAL A 261 -5.62 -7.08 -1.34
CA VAL A 261 -5.26 -8.46 -1.64
C VAL A 261 -3.76 -8.56 -1.91
N GLY A 262 -3.23 -7.59 -2.65
CA GLY A 262 -1.82 -7.56 -2.98
C GLY A 262 -0.95 -7.43 -1.74
N ASN A 263 -1.41 -6.66 -0.77
CA ASN A 263 -0.66 -6.49 0.47
C ASN A 263 -0.69 -7.75 1.33
N ILE A 264 -1.84 -8.41 1.36
CA ILE A 264 -2.00 -9.62 2.15
C ILE A 264 -1.07 -10.73 1.68
N VAL A 265 -0.88 -10.86 0.37
CA VAL A 265 -0.01 -11.91 -0.16
C VAL A 265 1.47 -11.51 -0.09
N THR A 266 1.77 -10.41 0.60
CA THR A 266 3.15 -10.09 0.97
C THR A 266 3.47 -10.77 2.30
N GLY A 267 2.49 -11.48 2.85
CA GLY A 267 2.68 -12.22 4.08
C GLY A 267 3.40 -13.53 3.83
N ASP A 268 3.52 -14.35 4.87
CA ASP A 268 4.22 -15.62 4.72
C ASP A 268 3.40 -16.61 3.90
N ASP A 269 3.89 -17.83 3.78
CA ASP A 269 3.24 -18.84 2.95
C ASP A 269 1.83 -19.20 3.45
N ILE A 270 1.67 -19.31 4.76
CA ILE A 270 0.38 -19.66 5.36
C ILE A 270 -0.68 -18.58 5.08
N GLN A 271 -0.30 -17.33 5.30
CA GLN A 271 -1.19 -16.20 5.10
C GLN A 271 -1.58 -16.05 3.63
N THR A 272 -0.61 -16.19 2.75
CA THR A 272 -0.82 -16.10 1.31
C THR A 272 -1.81 -17.17 0.85
N GLN A 273 -1.76 -18.34 1.47
CA GLN A 273 -2.60 -19.47 1.09
C GLN A 273 -4.08 -19.17 1.30
N VAL A 274 -4.39 -18.32 2.29
CA VAL A 274 -5.75 -17.92 2.56
C VAL A 274 -6.37 -17.26 1.34
N ILE A 275 -5.63 -16.34 0.74
CA ILE A 275 -6.07 -15.64 -0.46
C ILE A 275 -6.26 -16.61 -1.63
N LEU A 276 -5.36 -17.58 -1.74
CA LEU A 276 -5.43 -18.57 -2.81
C LEU A 276 -6.65 -19.48 -2.68
N ASN A 277 -6.96 -19.86 -1.44
CA ASN A 277 -8.13 -20.71 -1.17
C ASN A 277 -9.45 -19.98 -1.37
N CYS A 278 -9.40 -18.67 -1.56
CA CYS A 278 -10.57 -17.88 -1.92
C CYS A 278 -10.72 -17.78 -3.44
N SER A 279 -9.96 -18.60 -4.16
CA SER A 279 -9.97 -18.63 -5.63
C SER A 279 -9.64 -17.26 -6.23
N ALA A 280 -8.54 -16.68 -5.79
CA ALA A 280 -8.12 -15.36 -6.26
C ALA A 280 -7.41 -15.43 -7.61
N LEU A 281 -6.71 -16.52 -7.86
CA LEU A 281 -5.91 -16.66 -9.08
C LEU A 281 -6.71 -16.50 -10.38
N PRO A 282 -7.91 -17.13 -10.49
CA PRO A 282 -8.65 -16.89 -11.73
C PRO A 282 -9.08 -15.42 -11.91
N CYS A 283 -9.30 -14.72 -10.79
CA CYS A 283 -9.59 -13.29 -10.83
C CYS A 283 -8.38 -12.53 -11.33
N LEU A 284 -7.22 -12.85 -10.76
CA LEU A 284 -5.97 -12.19 -11.11
C LEU A 284 -5.59 -12.43 -12.56
N LEU A 285 -5.86 -13.64 -13.04
CA LEU A 285 -5.69 -13.95 -14.46
C LEU A 285 -6.53 -13.02 -15.30
N HIS A 286 -7.79 -12.85 -14.90
CA HIS A 286 -8.70 -11.99 -15.63
C HIS A 286 -8.25 -10.54 -15.61
N LEU A 287 -7.72 -10.10 -14.47
CA LEU A 287 -7.28 -8.70 -14.32
C LEU A 287 -5.99 -8.42 -15.08
N LEU A 288 -5.28 -9.46 -15.49
CA LEU A 288 -4.08 -9.29 -16.32
C LEU A 288 -4.44 -8.79 -17.71
N SER A 289 -5.71 -8.92 -18.08
CA SER A 289 -6.19 -8.52 -19.40
C SER A 289 -7.03 -7.25 -19.29
N SER A 290 -6.94 -6.58 -18.15
CA SER A 290 -7.70 -5.36 -17.92
C SER A 290 -7.28 -4.25 -18.87
N PRO A 291 -8.26 -3.49 -19.36
CA PRO A 291 -7.97 -2.32 -20.21
C PRO A 291 -7.32 -1.19 -19.43
N LYS A 292 -7.46 -1.21 -18.12
CA LYS A 292 -6.83 -0.22 -17.26
C LYS A 292 -5.40 -0.62 -16.97
N GLU A 293 -4.48 0.31 -17.18
CA GLU A 293 -3.04 0.04 -17.09
C GLU A 293 -2.57 -0.26 -15.67
N SER A 294 -3.12 0.43 -14.69
CA SER A 294 -2.69 0.28 -13.31
C SER A 294 -3.17 -1.04 -12.70
N ILE A 295 -4.23 -1.61 -13.28
CA ILE A 295 -4.77 -2.88 -12.82
C ILE A 295 -3.85 -4.03 -13.21
N ARG A 296 -3.40 -4.04 -14.46
CA ARG A 296 -2.48 -5.08 -14.92
C ARG A 296 -1.19 -5.07 -14.11
N LYS A 297 -0.67 -3.87 -13.86
CA LYS A 297 0.58 -3.72 -13.13
C LYS A 297 0.46 -4.28 -11.72
N GLU A 298 -0.63 -3.95 -11.03
CA GLU A 298 -0.81 -4.41 -9.66
C GLU A 298 -1.26 -5.86 -9.61
N ALA A 299 -1.89 -6.33 -10.69
CA ALA A 299 -2.18 -7.76 -10.81
C ALA A 299 -0.86 -8.52 -10.93
N CYS A 300 0.04 -8.00 -11.75
CA CYS A 300 1.38 -8.57 -11.89
C CYS A 300 2.15 -8.52 -10.58
N TRP A 301 2.02 -7.39 -9.87
CA TRP A 301 2.70 -7.19 -8.61
C TRP A 301 2.21 -8.20 -7.58
N THR A 302 0.90 -8.39 -7.53
CA THR A 302 0.27 -9.37 -6.64
C THR A 302 0.78 -10.78 -6.92
N ILE A 303 0.75 -11.16 -8.20
CA ILE A 303 1.22 -12.47 -8.62
C ILE A 303 2.71 -12.66 -8.32
N SER A 304 3.49 -11.59 -8.41
CA SER A 304 4.91 -11.70 -8.14
C SER A 304 5.16 -12.06 -6.68
N ASN A 305 4.30 -11.58 -5.79
CA ASN A 305 4.45 -11.90 -4.37
C ASN A 305 3.94 -13.30 -4.02
N ILE A 306 3.10 -13.86 -4.89
CA ILE A 306 2.63 -15.24 -4.74
C ILE A 306 3.69 -16.21 -5.25
N THR A 307 4.32 -15.89 -6.37
CA THR A 307 5.35 -16.77 -6.93
C THR A 307 6.62 -16.71 -6.09
N ALA A 308 6.67 -15.78 -5.15
CA ALA A 308 7.75 -15.74 -4.17
C ALA A 308 7.45 -16.68 -3.01
N GLY A 309 6.36 -17.45 -3.14
CA GLY A 309 5.93 -18.38 -2.10
C GLY A 309 6.55 -19.76 -2.23
N ASN A 310 5.89 -20.76 -1.67
CA ASN A 310 6.41 -22.13 -1.73
C ASN A 310 6.08 -22.81 -3.05
N ARG A 311 6.46 -24.06 -3.18
CA ARG A 311 6.35 -24.76 -4.45
C ARG A 311 4.92 -25.16 -4.80
N ALA A 312 4.08 -25.30 -3.79
CA ALA A 312 2.67 -25.60 -4.03
C ALA A 312 1.95 -24.38 -4.59
N GLN A 313 2.40 -23.20 -4.18
CA GLN A 313 1.77 -21.95 -4.60
C GLN A 313 2.21 -21.55 -6.00
N ILE A 314 3.49 -21.79 -6.31
CA ILE A 314 3.99 -21.60 -7.66
C ILE A 314 3.21 -22.50 -8.62
N GLN A 315 2.98 -23.74 -8.20
CA GLN A 315 2.22 -24.70 -8.98
C GLN A 315 0.78 -24.23 -9.18
N ALA A 316 0.22 -23.56 -8.18
CA ALA A 316 -1.14 -23.04 -8.27
C ALA A 316 -1.21 -21.96 -9.35
N VAL A 317 -0.14 -21.19 -9.51
CA VAL A 317 -0.09 -20.16 -10.55
C VAL A 317 0.02 -20.82 -11.92
N ILE A 318 0.76 -21.92 -12.00
CA ILE A 318 0.89 -22.68 -13.24
C ILE A 318 -0.45 -23.26 -13.67
N ASP A 319 -1.17 -23.86 -12.73
CA ASP A 319 -2.45 -24.49 -13.04
C ASP A 319 -3.54 -23.48 -13.40
N ALA A 320 -3.31 -22.22 -13.03
CA ALA A 320 -4.27 -21.17 -13.35
C ALA A 320 -3.96 -20.54 -14.72
N ASN A 321 -3.00 -21.12 -15.43
CA ASN A 321 -2.61 -20.68 -16.77
C ASN A 321 -2.24 -19.20 -16.80
N ILE A 322 -1.49 -18.76 -15.80
CA ILE A 322 -1.12 -17.36 -15.68
C ILE A 322 0.19 -17.05 -16.41
N PHE A 323 1.13 -17.98 -16.36
CA PHE A 323 2.47 -17.73 -16.90
C PHE A 323 2.56 -17.42 -18.40
N PRO A 324 1.75 -18.09 -19.24
CA PRO A 324 1.78 -17.69 -20.66
C PRO A 324 1.41 -16.22 -20.88
N VAL A 325 0.56 -15.66 -20.02
CA VAL A 325 0.19 -14.26 -20.12
C VAL A 325 1.31 -13.36 -19.59
N LEU A 326 1.90 -13.75 -18.47
CA LEU A 326 2.99 -12.99 -17.86
C LEU A 326 4.18 -12.84 -18.80
N ILE A 327 4.41 -13.86 -19.62
CA ILE A 327 5.53 -13.87 -20.56
C ILE A 327 5.23 -12.99 -21.76
N GLU A 328 3.95 -12.91 -22.13
CA GLU A 328 3.52 -11.98 -23.17
C GLU A 328 3.67 -10.55 -22.65
N ILE A 329 3.30 -10.34 -21.39
CA ILE A 329 3.43 -9.02 -20.75
C ILE A 329 4.91 -8.63 -20.62
N LEU A 330 5.74 -9.60 -20.26
CA LEU A 330 7.16 -9.39 -20.03
C LEU A 330 7.90 -8.79 -21.24
N GLN A 331 7.37 -9.02 -22.44
CA GLN A 331 8.07 -8.59 -23.64
C GLN A 331 7.36 -7.50 -24.44
N LYS A 332 6.09 -7.22 -24.12
CA LYS A 332 5.31 -6.34 -24.98
C LYS A 332 4.51 -5.26 -24.23
N ALA A 333 4.35 -5.41 -22.91
CA ALA A 333 3.52 -4.48 -22.16
C ALA A 333 4.23 -3.17 -21.84
N GLU A 334 3.46 -2.22 -21.34
CA GLU A 334 4.00 -0.98 -20.76
C GLU A 334 5.11 -1.34 -19.79
N PHE A 335 6.17 -0.54 -19.77
CA PHE A 335 7.38 -0.91 -19.04
C PHE A 335 7.17 -1.08 -17.53
N ARG A 336 6.35 -0.24 -16.91
CA ARG A 336 6.14 -0.34 -15.48
C ARG A 336 5.30 -1.56 -15.14
N THR A 337 4.70 -2.16 -16.18
CA THR A 337 4.01 -3.42 -16.03
C THR A 337 4.98 -4.58 -16.27
N ARG A 338 5.92 -4.38 -17.17
CA ARG A 338 6.96 -5.39 -17.44
C ARG A 338 7.81 -5.64 -16.21
N LYS A 339 8.12 -4.58 -15.47
CA LYS A 339 8.93 -4.68 -14.27
C LYS A 339 8.36 -5.68 -13.26
N GLU A 340 7.05 -5.61 -13.05
CA GLU A 340 6.39 -6.46 -12.09
C GLU A 340 6.27 -7.90 -12.60
N ALA A 341 6.10 -8.06 -13.90
CA ALA A 341 6.06 -9.39 -14.50
C ALA A 341 7.43 -10.05 -14.42
N ALA A 342 8.47 -9.23 -14.50
CA ALA A 342 9.84 -9.74 -14.38
C ALA A 342 10.06 -10.34 -13.00
N TRP A 343 9.65 -9.62 -11.96
CA TRP A 343 9.69 -10.12 -10.60
C TRP A 343 8.92 -11.43 -10.49
N ALA A 344 7.76 -11.49 -11.13
CA ALA A 344 6.90 -12.67 -11.06
C ALA A 344 7.58 -13.89 -11.65
N ILE A 345 8.24 -13.71 -12.80
CA ILE A 345 8.95 -14.80 -13.44
C ILE A 345 10.20 -15.16 -12.63
N THR A 346 10.95 -14.14 -12.24
CA THR A 346 12.19 -14.35 -11.50
C THR A 346 11.97 -15.00 -10.14
N ASN A 347 10.96 -14.54 -9.40
CA ASN A 347 10.66 -15.16 -8.12
C ASN A 347 10.30 -16.62 -8.30
N ALA A 348 9.58 -16.92 -9.37
CA ALA A 348 9.22 -18.29 -9.69
C ALA A 348 10.46 -19.16 -9.97
N THR A 349 11.49 -18.58 -10.58
CA THR A 349 12.68 -19.37 -10.91
C THR A 349 13.56 -19.63 -9.69
N SER A 350 13.37 -18.84 -8.63
CA SER A 350 14.20 -19.00 -7.43
C SER A 350 13.61 -20.00 -6.45
N GLY A 351 12.29 -20.11 -6.43
CA GLY A 351 11.62 -20.98 -5.48
C GLY A 351 11.08 -22.26 -6.08
N GLY A 352 11.05 -22.33 -7.40
CA GLY A 352 10.42 -23.44 -8.09
C GLY A 352 11.22 -24.74 -8.17
N THR A 353 10.53 -25.83 -8.49
CA THR A 353 11.18 -27.12 -8.71
C THR A 353 11.84 -27.12 -10.08
N PRO A 354 12.77 -28.06 -10.32
CA PRO A 354 13.34 -28.17 -11.66
C PRO A 354 12.29 -28.35 -12.75
N GLU A 355 11.23 -29.09 -12.45
CA GLU A 355 10.17 -29.34 -13.43
C GLU A 355 9.38 -28.06 -13.69
N GLN A 356 9.24 -27.24 -12.67
CA GLN A 356 8.53 -25.97 -12.81
C GLN A 356 9.34 -24.98 -13.66
N ILE A 357 10.64 -24.89 -13.37
CA ILE A 357 11.52 -24.01 -14.15
C ILE A 357 11.62 -24.50 -15.58
N ARG A 358 11.68 -25.82 -15.75
CA ARG A 358 11.68 -26.41 -17.07
C ARG A 358 10.43 -26.02 -17.84
N TYR A 359 9.33 -25.86 -17.13
CA TYR A 359 8.06 -25.47 -17.74
C TYR A 359 8.08 -24.00 -18.18
N LEU A 360 8.67 -23.14 -17.37
CA LEU A 360 8.78 -21.72 -17.71
C LEU A 360 9.66 -21.53 -18.95
N VAL A 361 10.73 -22.31 -19.03
CA VAL A 361 11.63 -22.29 -20.18
C VAL A 361 10.92 -22.75 -21.44
N SER A 362 10.01 -23.72 -21.30
CA SER A 362 9.28 -24.26 -22.44
C SER A 362 8.24 -23.26 -22.95
N LEU A 363 7.93 -22.27 -22.12
CA LEU A 363 7.00 -21.22 -22.51
C LEU A 363 7.73 -20.07 -23.17
N GLY A 364 9.06 -20.19 -23.23
CA GLY A 364 9.91 -19.19 -23.86
C GLY A 364 10.14 -17.96 -22.98
N CYS A 365 10.62 -18.18 -21.77
CA CYS A 365 10.81 -17.08 -20.82
C CYS A 365 12.22 -16.50 -20.89
N ILE A 366 13.15 -17.27 -21.42
CA ILE A 366 14.55 -16.86 -21.48
C ILE A 366 14.76 -15.64 -22.38
N LYS A 367 14.18 -15.67 -23.56
CA LYS A 367 14.31 -14.56 -24.51
C LYS A 367 13.81 -13.22 -23.94
N PRO A 368 12.58 -13.16 -23.41
CA PRO A 368 12.18 -11.85 -22.88
C PRO A 368 12.89 -11.45 -21.58
N LEU A 369 13.47 -12.42 -20.88
CA LEU A 369 14.31 -12.12 -19.73
C LEU A 369 15.62 -11.48 -20.18
N CYS A 370 16.24 -12.06 -21.22
CA CYS A 370 17.48 -11.52 -21.76
C CYS A 370 17.31 -10.12 -22.30
N ASP A 371 16.15 -9.82 -22.89
CA ASP A 371 15.90 -8.51 -23.47
C ASP A 371 15.88 -7.40 -22.44
N LEU A 372 15.61 -7.76 -21.18
CA LEU A 372 15.57 -6.77 -20.10
C LEU A 372 16.96 -6.45 -19.56
N LEU A 373 17.95 -7.23 -19.97
CA LEU A 373 19.32 -6.99 -19.52
C LEU A 373 19.86 -5.63 -19.98
N THR A 374 19.21 -5.04 -20.98
CA THR A 374 19.69 -3.78 -21.55
C THR A 374 18.85 -2.56 -21.18
N VAL A 375 17.90 -2.72 -20.25
CA VAL A 375 17.09 -1.58 -19.80
C VAL A 375 17.92 -0.66 -18.92
N MET A 376 17.45 0.58 -18.74
CA MET A 376 18.20 1.55 -17.94
C MET A 376 17.76 1.54 -16.48
N ASP A 377 16.77 0.74 -16.15
CA ASP A 377 16.39 0.52 -14.74
C ASP A 377 17.30 -0.57 -14.19
N SER A 378 18.33 -0.16 -13.44
CA SER A 378 19.36 -1.07 -12.98
C SER A 378 18.82 -2.16 -12.05
N LYS A 379 17.69 -1.89 -11.41
CA LYS A 379 17.08 -2.85 -10.51
C LYS A 379 16.46 -4.01 -11.29
N ILE A 380 15.77 -3.69 -12.38
CA ILE A 380 15.14 -4.70 -13.22
C ILE A 380 16.19 -5.55 -13.92
N VAL A 381 17.35 -4.96 -14.19
CA VAL A 381 18.49 -5.68 -14.75
C VAL A 381 18.93 -6.80 -13.81
N GLN A 382 19.02 -6.47 -12.52
CA GLN A 382 19.42 -7.46 -11.51
C GLN A 382 18.40 -8.57 -11.39
N VAL A 383 17.13 -8.18 -11.42
CA VAL A 383 16.03 -9.15 -11.39
C VAL A 383 16.12 -10.09 -12.59
N ALA A 384 16.35 -9.52 -13.77
CA ALA A 384 16.54 -10.32 -14.98
C ALA A 384 17.75 -11.25 -14.83
N LEU A 385 18.87 -10.70 -14.37
CA LEU A 385 20.08 -11.48 -14.15
C LEU A 385 19.85 -12.63 -13.18
N ASN A 386 19.03 -12.39 -12.16
CA ASN A 386 18.75 -13.39 -11.15
C ASN A 386 17.96 -14.56 -11.71
N GLY A 387 16.93 -14.25 -12.50
CA GLY A 387 16.13 -15.28 -13.13
C GLY A 387 16.94 -16.12 -14.08
N LEU A 388 17.87 -15.49 -14.78
CA LEU A 388 18.74 -16.20 -15.70
C LEU A 388 19.75 -17.06 -14.96
N GLU A 389 20.30 -16.53 -13.87
CA GLU A 389 21.24 -17.30 -13.06
C GLU A 389 20.58 -18.50 -12.42
N ASN A 390 19.35 -18.31 -11.94
CA ASN A 390 18.57 -19.41 -11.38
C ASN A 390 18.39 -20.54 -12.38
N ILE A 391 18.04 -20.18 -13.60
CA ILE A 391 17.87 -21.15 -14.67
C ILE A 391 19.20 -21.83 -14.97
N LEU A 392 20.28 -21.06 -14.95
CA LEU A 392 21.61 -21.60 -15.24
C LEU A 392 22.09 -22.57 -14.17
N ARG A 393 21.85 -22.22 -12.91
CA ARG A 393 22.24 -23.07 -11.80
C ARG A 393 21.50 -24.41 -11.85
N LEU A 394 20.22 -24.36 -12.15
CA LEU A 394 19.44 -25.59 -12.29
C LEU A 394 19.92 -26.41 -13.48
N GLY A 395 20.37 -25.72 -14.51
CA GLY A 395 20.96 -26.38 -15.66
C GLY A 395 22.25 -27.10 -15.30
N GLU A 396 23.01 -26.51 -14.40
CA GLU A 396 24.28 -27.10 -13.96
C GLU A 396 24.05 -28.31 -13.07
N GLN A 397 23.11 -28.18 -12.14
CA GLN A 397 22.73 -29.30 -11.27
C GLN A 397 22.17 -30.45 -12.10
N GLU A 398 21.44 -30.10 -13.15
CA GLU A 398 20.87 -31.09 -14.07
C GLU A 398 21.96 -31.79 -14.85
N GLY A 399 23.05 -31.07 -15.12
CA GLY A 399 24.17 -31.63 -15.86
C GLY A 399 25.02 -32.57 -15.02
N LYS A 400 24.79 -32.59 -13.72
CA LYS A 400 25.51 -33.48 -12.82
C LYS A 400 24.68 -34.70 -12.45
N ARG A 401 23.35 -34.55 -12.40
CA ARG A 401 22.45 -35.65 -12.07
C ARG A 401 22.27 -36.63 -13.24
N SER A 402 23.09 -36.49 -14.27
CA SER A 402 23.04 -37.39 -15.41
C SER A 402 24.40 -37.48 -16.09
N GLY A 403 25.42 -36.92 -15.42
CA GLY A 403 26.81 -37.05 -15.85
C GLY A 403 27.16 -36.51 -17.22
N SER A 404 26.20 -35.88 -17.89
CA SER A 404 26.44 -35.32 -19.22
C SER A 404 27.44 -34.16 -19.14
N GLY A 405 27.37 -33.39 -18.07
CA GLY A 405 28.27 -32.27 -17.87
C GLY A 405 27.93 -31.11 -18.78
N VAL A 406 26.75 -31.18 -19.41
CA VAL A 406 26.30 -30.15 -20.32
C VAL A 406 25.12 -29.38 -19.73
N ASN A 407 25.25 -28.05 -19.72
CA ASN A 407 24.16 -27.18 -19.28
C ASN A 407 23.22 -26.89 -20.44
N PRO A 408 22.00 -27.47 -20.39
CA PRO A 408 21.03 -27.39 -21.48
C PRO A 408 20.51 -25.97 -21.74
N TYR A 409 20.69 -25.07 -20.79
CA TYR A 409 20.13 -23.73 -20.93
C TYR A 409 21.16 -22.70 -21.39
N CYS A 410 22.43 -23.08 -21.42
CA CYS A 410 23.49 -22.20 -21.92
C CYS A 410 23.29 -21.87 -23.39
N GLY A 411 22.85 -22.87 -24.15
CA GLY A 411 22.62 -22.69 -25.58
C GLY A 411 21.44 -21.78 -25.86
N LEU A 412 20.37 -21.95 -25.10
CA LEU A 412 19.17 -21.14 -25.25
C LEU A 412 19.42 -19.68 -24.93
N ILE A 413 20.27 -19.44 -23.94
CA ILE A 413 20.61 -18.09 -23.55
C ILE A 413 21.50 -17.45 -24.62
N GLU A 414 22.39 -18.26 -25.20
CA GLU A 414 23.21 -17.79 -26.32
C GLU A 414 22.34 -17.45 -27.52
N GLU A 415 21.33 -18.28 -27.79
CA GLU A 415 20.43 -18.04 -28.91
C GLU A 415 19.65 -16.74 -28.75
N ALA A 416 19.34 -16.38 -27.51
CA ALA A 416 18.56 -15.19 -27.21
C ALA A 416 19.48 -13.99 -27.03
N TYR A 417 20.74 -14.15 -27.45
CA TYR A 417 21.76 -13.11 -27.33
C TYR A 417 21.97 -12.67 -25.89
N GLY A 418 21.70 -13.58 -24.97
CA GLY A 418 21.88 -13.30 -23.55
C GLY A 418 23.33 -13.19 -23.18
N LEU A 419 24.17 -14.03 -23.79
CA LEU A 419 25.59 -13.98 -23.53
C LEU A 419 26.21 -12.65 -23.96
N ASP A 420 25.81 -12.16 -25.14
CA ASP A 420 26.31 -10.88 -25.61
C ASP A 420 25.88 -9.75 -24.69
N LYS A 421 24.63 -9.81 -24.26
CA LYS A 421 24.09 -8.77 -23.37
C LYS A 421 24.72 -8.82 -21.99
N ILE A 422 24.99 -10.03 -21.50
CA ILE A 422 25.66 -10.20 -20.22
C ILE A 422 27.10 -9.67 -20.31
N GLU A 423 27.77 -9.95 -21.41
CA GLU A 423 29.10 -9.40 -21.67
C GLU A 423 29.07 -7.88 -21.75
N PHE A 424 28.01 -7.35 -22.38
CA PHE A 424 27.83 -5.91 -22.53
C PHE A 424 27.67 -5.23 -21.16
N LEU A 425 27.11 -5.97 -20.21
CA LEU A 425 26.91 -5.44 -18.86
C LEU A 425 28.24 -5.15 -18.15
N GLN A 426 29.34 -5.63 -18.71
CA GLN A 426 30.65 -5.29 -18.17
C GLN A 426 31.03 -3.84 -18.47
N SER A 427 30.15 -3.15 -19.20
CA SER A 427 30.33 -1.71 -19.45
C SER A 427 29.33 -0.91 -18.63
N HIS A 428 28.58 -1.59 -17.78
CA HIS A 428 27.59 -0.94 -16.92
C HIS A 428 28.29 -0.31 -15.71
N GLU A 429 27.89 0.91 -15.36
CA GLU A 429 28.53 1.66 -14.30
C GLU A 429 28.26 1.05 -12.92
N ASN A 430 27.12 0.39 -12.79
CA ASN A 430 26.70 -0.21 -11.53
C ASN A 430 27.57 -1.41 -11.15
N GLN A 431 28.22 -1.32 -9.99
CA GLN A 431 29.17 -2.35 -9.56
C GLN A 431 28.53 -3.72 -9.31
N GLU A 432 27.33 -3.73 -8.74
CA GLU A 432 26.62 -4.98 -8.49
C GLU A 432 26.33 -5.71 -9.79
N ILE A 433 25.86 -4.96 -10.79
CA ILE A 433 25.56 -5.54 -12.09
C ILE A 433 26.84 -6.03 -12.76
N TYR A 434 27.88 -5.19 -12.75
CA TYR A 434 29.18 -5.54 -13.29
C TYR A 434 29.74 -6.82 -12.65
N GLN A 435 29.83 -6.83 -11.33
CA GLN A 435 30.33 -7.98 -10.59
C GLN A 435 29.52 -9.23 -10.90
N LYS A 436 28.20 -9.06 -11.01
CA LYS A 436 27.32 -10.18 -11.32
C LYS A 436 27.56 -10.71 -12.74
N ALA A 437 27.51 -9.84 -13.74
CA ALA A 437 27.75 -10.26 -15.12
C ALA A 437 29.12 -10.91 -15.25
N PHE A 438 30.11 -10.32 -14.57
CA PHE A 438 31.47 -10.86 -14.55
C PHE A 438 31.53 -12.29 -14.04
N ASP A 439 30.80 -12.57 -12.96
CA ASP A 439 30.81 -13.90 -12.35
C ASP A 439 30.04 -14.93 -13.18
N LEU A 440 28.95 -14.50 -13.80
CA LEU A 440 28.16 -15.41 -14.63
C LEU A 440 28.99 -15.91 -15.81
N ILE A 441 29.73 -15.00 -16.42
CA ILE A 441 30.59 -15.33 -17.55
C ILE A 441 31.68 -16.31 -17.12
N GLU A 442 32.28 -16.03 -15.97
CA GLU A 442 33.35 -16.87 -15.44
C GLU A 442 32.86 -18.27 -15.05
N HIS A 443 31.64 -18.35 -14.54
CA HIS A 443 31.11 -19.60 -14.02
C HIS A 443 30.43 -20.47 -15.08
N TYR A 444 29.58 -19.86 -15.91
CA TYR A 444 28.76 -20.63 -16.83
C TYR A 444 29.21 -20.56 -18.28
N PHE A 445 30.09 -19.62 -18.61
CA PHE A 445 30.50 -19.42 -20.00
C PHE A 445 32.01 -19.32 -20.16
N GLY A 446 32.75 -20.15 -19.43
CA GLY A 446 34.19 -20.15 -19.51
C GLY A 446 34.70 -20.83 -20.77
N VAL A 447 35.78 -20.30 -21.34
CA VAL A 447 36.35 -20.86 -22.55
C VAL A 447 37.49 -21.82 -22.21
N THR B 1 26.56 -23.63 0.70
CA THR B 1 25.85 -23.32 1.94
C THR B 1 25.01 -24.50 2.42
N SER B 2 24.46 -24.37 3.63
CA SER B 2 23.65 -25.42 4.24
C SER B 2 22.23 -25.44 3.67
N GLY B 3 21.48 -26.49 3.99
CA GLY B 3 20.12 -26.62 3.53
C GLY B 3 19.24 -25.53 4.13
N VAL B 4 19.49 -25.21 5.39
CA VAL B 4 18.76 -24.17 6.08
C VAL B 4 18.99 -22.81 5.43
N GLU B 5 20.25 -22.48 5.20
CA GLU B 5 20.60 -21.20 4.59
C GLU B 5 20.03 -21.07 3.19
N SER B 6 20.10 -22.16 2.42
CA SER B 6 19.55 -22.16 1.07
C SER B 6 18.04 -21.96 1.07
N ALA B 7 17.35 -22.65 1.98
CA ALA B 7 15.91 -22.56 2.06
C ALA B 7 15.47 -21.16 2.47
N VAL B 8 16.13 -20.59 3.47
CA VAL B 8 15.81 -19.24 3.92
C VAL B 8 16.06 -18.21 2.82
N LEU B 9 17.20 -18.30 2.15
CA LEU B 9 17.58 -17.32 1.14
C LEU B 9 16.70 -17.35 -0.11
N ARG B 10 15.83 -18.36 -0.21
CA ARG B 10 14.91 -18.43 -1.34
C ARG B 10 13.86 -17.34 -1.28
N GLY B 11 13.61 -16.83 -0.07
CA GLY B 11 12.68 -15.74 0.11
C GLY B 11 13.36 -14.40 -0.06
N PHE B 12 14.62 -14.41 -0.49
CA PHE B 12 15.40 -13.19 -0.61
C PHE B 12 16.12 -13.09 -1.95
N LEU B 13 16.36 -11.86 -2.39
CA LEU B 13 17.17 -11.60 -3.56
C LEU B 13 18.55 -11.11 -3.14
N ILE B 14 19.59 -11.85 -3.52
CA ILE B 14 20.97 -11.44 -3.23
C ILE B 14 21.41 -10.36 -4.20
N LEU B 15 21.53 -9.13 -3.70
CA LEU B 15 21.84 -7.97 -4.52
C LEU B 15 23.33 -7.86 -4.85
N GLY B 16 24.19 -8.36 -3.98
CA GLY B 16 25.61 -8.33 -4.21
C GLY B 16 26.45 -8.61 -2.97
N LYS B 17 27.73 -8.25 -3.04
CA LYS B 17 28.64 -8.42 -1.91
C LYS B 17 28.27 -7.51 -0.73
N GLU B 18 28.94 -7.73 0.39
CA GLU B 18 28.71 -6.93 1.60
C GLU B 18 28.87 -5.43 1.36
N ASP B 19 27.83 -4.67 1.68
CA ASP B 19 27.85 -3.21 1.57
C ASP B 19 27.62 -2.61 2.95
N ARG B 20 28.65 -1.99 3.51
CA ARG B 20 28.59 -1.52 4.90
C ARG B 20 27.85 -0.20 5.04
N ARG B 21 27.26 0.25 3.94
CA ARG B 21 26.32 1.36 3.99
C ARG B 21 25.07 0.93 4.79
N TYR B 22 24.85 -0.38 4.86
CA TYR B 22 23.68 -0.93 5.52
C TYR B 22 24.03 -1.63 6.84
N GLY B 23 25.26 -1.41 7.30
CA GLY B 23 25.67 -1.82 8.64
C GLY B 23 26.10 -3.27 8.82
N PRO B 24 26.33 -3.65 10.08
CA PRO B 24 26.73 -5.01 10.47
C PRO B 24 25.72 -6.06 10.00
N ALA B 25 26.21 -7.25 9.67
CA ALA B 25 25.37 -8.28 9.08
C ALA B 25 24.42 -8.93 10.08
N LEU B 26 23.21 -9.21 9.62
CA LEU B 26 22.27 -10.02 10.38
C LEU B 26 22.65 -11.49 10.26
N SER B 27 22.26 -12.30 11.24
CA SER B 27 22.41 -13.74 11.13
C SER B 27 21.22 -14.29 10.35
N ILE B 28 21.32 -15.55 9.93
CA ILE B 28 20.23 -16.17 9.17
C ILE B 28 18.93 -16.23 9.99
N ASN B 29 19.04 -16.46 11.29
CA ASN B 29 17.83 -16.54 12.12
C ASN B 29 17.21 -15.17 12.38
N GLU B 30 18.00 -14.11 12.23
CA GLU B 30 17.47 -12.76 12.39
C GLU B 30 16.86 -12.22 11.09
N LEU B 31 17.28 -12.80 9.97
CA LEU B 31 16.99 -12.25 8.66
C LEU B 31 15.48 -12.12 8.36
N SER B 32 14.66 -12.98 8.98
CA SER B 32 13.22 -12.93 8.74
C SER B 32 12.60 -11.65 9.29
N ASN B 33 13.28 -10.99 10.22
CA ASN B 33 12.79 -9.75 10.83
C ASN B 33 13.00 -8.51 9.95
N LEU B 34 13.74 -8.69 8.86
CA LEU B 34 14.02 -7.58 7.95
C LEU B 34 12.73 -7.02 7.35
N ALA B 35 12.57 -5.70 7.41
CA ALA B 35 11.38 -5.06 6.88
C ALA B 35 11.30 -5.25 5.38
N LYS B 36 10.08 -5.41 4.85
CA LYS B 36 9.89 -5.52 3.41
C LYS B 36 10.35 -4.25 2.72
N GLY B 37 11.12 -4.40 1.64
CA GLY B 37 11.60 -3.27 0.88
C GLY B 37 12.97 -2.77 1.30
N GLU B 38 13.41 -3.17 2.49
CA GLU B 38 14.71 -2.73 3.01
C GLU B 38 15.83 -3.69 2.60
N LYS B 39 17.07 -3.23 2.76
CA LYS B 39 18.23 -4.03 2.41
C LYS B 39 19.09 -4.27 3.65
N ALA B 40 19.69 -5.45 3.73
CA ALA B 40 20.58 -5.75 4.84
C ALA B 40 21.66 -6.74 4.42
N ASN B 41 22.78 -6.70 5.12
CA ASN B 41 23.80 -7.72 4.95
C ASN B 41 23.47 -8.90 5.85
N VAL B 42 23.87 -10.09 5.44
CA VAL B 42 23.59 -11.29 6.22
C VAL B 42 24.78 -12.24 6.18
N LEU B 43 25.07 -12.84 7.33
CA LEU B 43 26.12 -13.85 7.44
C LEU B 43 25.64 -15.21 6.96
N ILE B 44 26.35 -15.77 5.98
CA ILE B 44 26.01 -17.09 5.47
C ILE B 44 27.26 -17.95 5.31
N GLY B 45 27.06 -19.27 5.30
CA GLY B 45 28.13 -20.22 5.07
C GLY B 45 29.33 -20.07 5.98
N GLN B 46 30.51 -20.00 5.38
CA GLN B 46 31.77 -19.95 6.12
C GLN B 46 32.30 -18.52 6.24
N GLY B 47 31.49 -17.64 6.81
CA GLY B 47 31.93 -16.27 7.06
C GLY B 47 31.68 -15.30 5.92
N ASP B 48 30.99 -15.76 4.87
CA ASP B 48 30.65 -14.88 3.76
C ASP B 48 29.49 -13.95 4.12
N VAL B 49 29.55 -12.72 3.62
CA VAL B 49 28.51 -11.73 3.85
C VAL B 49 27.97 -11.20 2.53
N VAL B 50 26.65 -11.20 2.37
CA VAL B 50 26.04 -10.66 1.15
C VAL B 50 24.92 -9.68 1.49
N LEU B 51 24.59 -8.83 0.52
CA LEU B 51 23.50 -7.86 0.67
C LEU B 51 22.22 -8.41 0.05
N VAL B 52 21.11 -8.31 0.78
CA VAL B 52 19.85 -8.91 0.33
C VAL B 52 18.63 -8.03 0.56
N MET B 53 17.53 -8.40 -0.08
CA MET B 53 16.22 -7.84 0.22
C MET B 53 15.18 -8.95 0.08
N LYS B 54 14.05 -8.79 0.76
CA LYS B 54 12.96 -9.76 0.65
C LYS B 54 12.35 -9.75 -0.75
N ARG B 55 11.99 -10.92 -1.23
CA ARG B 55 11.28 -11.03 -2.52
C ARG B 55 9.82 -10.64 -2.35
N LYS B 56 9.32 -10.74 -1.12
CA LYS B 56 8.00 -10.22 -0.78
C LYS B 56 8.04 -8.70 -0.73
N ARG B 57 7.46 -8.03 -1.71
CA ARG B 57 7.60 -6.59 -1.81
C ARG B 57 6.32 -5.83 -1.45
N ASP B 58 6.48 -4.79 -0.64
CA ASP B 58 5.35 -3.93 -0.26
C ASP B 58 4.93 -3.03 -1.41
N SER B 59 3.84 -2.29 -1.21
CA SER B 59 3.25 -1.49 -2.27
C SER B 59 3.90 -0.12 -2.41
N SER B 60 5.14 0.01 -1.97
CA SER B 60 5.83 1.30 -1.95
C SER B 60 5.97 1.91 -3.36
N ILE B 61 6.60 1.17 -4.25
CA ILE B 61 6.78 1.65 -5.62
C ILE B 61 5.50 1.45 -6.43
N LEU B 62 4.48 2.25 -6.11
CA LEU B 62 3.20 2.24 -6.82
C LEU B 62 2.62 3.65 -6.87
N THR B 63 1.33 3.76 -7.18
CA THR B 63 0.67 5.05 -7.28
C THR B 63 -0.04 5.44 -5.99
N ASP B 64 -0.70 6.60 -5.98
CA ASP B 64 -1.28 7.15 -4.77
C ASP B 64 -2.81 7.21 -4.79
N SER B 65 -3.39 7.21 -3.60
CA SER B 65 -4.82 7.48 -3.42
C SER B 65 -5.00 8.84 -2.78
N GLN B 66 -4.18 9.80 -3.21
CA GLN B 66 -4.10 11.12 -2.59
C GLN B 66 -5.44 11.85 -2.55
N THR B 67 -6.33 11.50 -3.48
CA THR B 67 -7.67 12.09 -3.50
C THR B 67 -8.68 11.17 -2.82
N ALA B 68 -9.24 11.64 -1.71
CA ALA B 68 -8.90 12.93 -1.14
C ALA B 68 -8.71 12.84 0.37
N THR B 69 -7.63 13.40 0.88
CA THR B 69 -7.36 13.40 2.31
C THR B 69 -8.20 14.45 3.02
N LYS B 70 -8.42 15.58 2.35
CA LYS B 70 -9.24 16.65 2.91
C LYS B 70 -10.40 17.00 1.99
N ARG B 71 -11.55 17.26 2.59
CA ARG B 71 -12.75 17.64 1.85
C ARG B 71 -13.40 18.84 2.51
N ILE B 72 -13.66 19.89 1.72
CA ILE B 72 -14.31 21.07 2.25
C ILE B 72 -15.81 21.03 1.90
N ARG B 73 -16.63 21.44 2.85
CA ARG B 73 -18.09 21.43 2.67
C ARG B 73 -18.55 22.74 2.05
N MET B 74 -19.05 22.66 0.82
CA MET B 74 -19.48 23.86 0.09
C MET B 74 -20.98 23.87 -0.15
N ALA B 75 -21.45 24.93 -0.82
CA ALA B 75 -22.86 25.09 -1.18
C ALA B 75 -23.78 24.96 0.02
#